data_2YGT
#
_entry.id   2YGT
#
_cell.length_a   112.932
_cell.length_b   49.664
_cell.length_c   58.477
_cell.angle_alpha   90.00
_cell.angle_beta   90.00
_cell.angle_gamma   90.00
#
_symmetry.space_group_name_H-M   'P 21 21 2'
#
loop_
_entity.id
_entity.type
_entity.pdbx_description
1 polymer 'DELTA TOXIN'
2 non-polymer 'ZINC ION'
3 non-polymer IMIDAZOLE
4 non-polymer GLYCEROL
5 water water
#
_entity_poly.entity_id   1
_entity_poly.type   'polypeptide(L)'
_entity_poly.pdbx_seq_one_letter_code
;GSNDLGSKSEIRKEENGNVTIITQNNKQIRKYSSTDSATTKSNSKITVDASFVDDKFSSEMTTIISLKGFIPSGRKIFAL
SKYRGVMRWPIKYMVDLKNNSLDSSVKIVDSVPKNTISTKEVNNTISYSIGGGIDTSNKASLNANYAVSKSISYVQPDYN
TIQTNDTNSIASWNTEFAETRDGYNVNSWNIVYGNQMFMRSRYSGTSTTNFTPDYQLSSLITGGFSPNFGVVLTAPNGTK
KSQIEISLKREINSYHIAWDTEWQGRNYPDSKIEETVKFELDWEKHTIRQISHHHHHH
;
_entity_poly.pdbx_strand_id   A
#
# COMPACT_ATOMS: atom_id res chain seq x y z
N ILE A 11 -30.02 6.15 5.69
CA ILE A 11 -29.47 7.16 4.81
C ILE A 11 -29.77 6.86 3.35
N ARG A 12 -30.37 7.82 2.65
CA ARG A 12 -30.73 7.64 1.25
C ARG A 12 -29.62 8.18 0.35
N LYS A 13 -29.28 7.41 -0.69
CA LYS A 13 -28.28 7.84 -1.66
C LYS A 13 -28.81 7.68 -3.08
N GLU A 14 -28.43 8.58 -3.97
CA GLU A 14 -28.86 8.51 -5.37
C GLU A 14 -27.71 8.88 -6.31
N GLU A 15 -27.71 8.27 -7.49
CA GLU A 15 -26.61 8.43 -8.44
C GLU A 15 -26.91 9.43 -9.56
N ASN A 16 -25.85 10.05 -10.06
CA ASN A 16 -25.95 10.98 -11.18
C ASN A 16 -24.59 11.17 -11.86
N GLY A 17 -24.03 10.06 -12.34
CA GLY A 17 -22.71 10.08 -12.96
C GLY A 17 -21.62 9.92 -11.92
N ASN A 18 -20.80 10.96 -11.77
CA ASN A 18 -19.75 10.95 -10.76
C ASN A 18 -20.22 11.60 -9.46
N VAL A 19 -21.53 11.82 -9.37
CA VAL A 19 -22.10 12.47 -8.19
C VAL A 19 -23.02 11.52 -7.42
N THR A 20 -22.85 11.51 -6.10
CA THR A 20 -23.74 10.76 -5.23
C THR A 20 -24.42 11.74 -4.27
N ILE A 21 -25.73 11.86 -4.38
CA ILE A 21 -26.49 12.72 -3.48
C ILE A 21 -26.96 11.93 -2.27
N ILE A 22 -26.47 12.31 -1.09
CA ILE A 22 -26.74 11.57 0.12
C ILE A 22 -27.62 12.36 1.09
N THR A 23 -28.78 11.79 1.43
CA THR A 23 -29.74 12.46 2.29
C THR A 23 -29.99 11.66 3.57
N GLN A 24 -29.76 12.29 4.71
CA GLN A 24 -29.99 11.66 6.00
C GLN A 24 -30.73 12.59 6.94
N ASN A 25 -32.00 12.28 7.21
CA ASN A 25 -32.84 13.08 8.09
C ASN A 25 -32.92 14.55 7.66
N ASN A 26 -33.41 14.77 6.44
CA ASN A 26 -33.62 16.12 5.92
C ASN A 26 -32.35 16.84 5.49
N LYS A 27 -31.20 16.37 5.98
CA LYS A 27 -29.93 16.97 5.62
C LYS A 27 -29.28 16.24 4.45
N GLN A 28 -28.80 17.01 3.49
CA GLN A 28 -28.27 16.43 2.25
C GLN A 28 -26.82 16.85 1.97
N ILE A 29 -26.01 15.89 1.55
CA ILE A 29 -24.64 16.17 1.14
C ILE A 29 -24.33 15.50 -0.19
N ARG A 30 -23.26 15.93 -0.85
CA ARG A 30 -22.90 15.38 -2.15
C ARG A 30 -21.47 14.84 -2.16
N LYS A 31 -21.24 13.82 -2.98
CA LYS A 31 -19.92 13.21 -3.10
C LYS A 31 -19.50 13.14 -4.56
N TYR A 32 -18.35 13.73 -4.87
CA TYR A 32 -17.82 13.74 -6.24
C TYR A 32 -16.60 12.84 -6.33
N SER A 33 -16.60 11.95 -7.31
CA SER A 33 -15.49 11.02 -7.51
C SER A 33 -14.54 11.45 -8.61
N SER A 34 -13.25 11.20 -8.40
CA SER A 34 -12.25 11.49 -9.42
C SER A 34 -11.15 10.41 -9.38
N THR A 35 -10.79 9.89 -10.55
CA THR A 35 -9.78 8.85 -10.64
C THR A 35 -8.67 9.19 -11.63
N ASP A 36 -7.43 9.02 -11.19
CA ASP A 36 -6.29 9.20 -12.08
C ASP A 36 -5.29 8.07 -11.93
N SER A 37 -4.62 7.72 -13.02
CA SER A 37 -3.64 6.65 -13.02
C SER A 37 -2.30 7.12 -13.57
N ALA A 38 -1.21 6.64 -12.97
CA ALA A 38 0.12 6.97 -13.42
C ALA A 38 1.04 5.75 -13.41
N THR A 39 1.93 5.67 -14.40
CA THR A 39 2.90 4.59 -14.46
C THR A 39 4.30 5.16 -14.28
N THR A 40 5.11 4.50 -13.47
CA THR A 40 6.46 4.95 -13.18
C THR A 40 7.46 4.41 -14.21
N LYS A 41 8.69 4.88 -14.11
CA LYS A 41 9.74 4.48 -15.05
C LYS A 41 10.01 2.98 -15.00
N SER A 42 9.92 2.39 -13.80
CA SER A 42 10.19 0.98 -13.62
C SER A 42 8.92 0.14 -13.67
N ASN A 43 7.87 0.71 -14.25
CA ASN A 43 6.60 0.00 -14.45
C ASN A 43 5.81 -0.30 -13.18
N SER A 44 5.99 0.53 -12.15
CA SER A 44 5.09 0.52 -11.02
C SER A 44 3.84 1.29 -11.42
N LYS A 45 2.70 0.93 -10.84
CA LYS A 45 1.45 1.60 -11.17
C LYS A 45 0.83 2.21 -9.94
N ILE A 46 0.33 3.43 -10.07
CA ILE A 46 -0.41 4.07 -9.00
C ILE A 46 -1.75 4.57 -9.52
N THR A 47 -2.80 4.32 -8.76
CA THR A 47 -4.12 4.83 -9.05
C THR A 47 -4.69 5.49 -7.80
N VAL A 48 -5.13 6.74 -7.94
CA VAL A 48 -5.75 7.44 -6.83
C VAL A 48 -7.24 7.69 -7.09
N ASP A 49 -8.07 7.25 -6.17
CA ASP A 49 -9.50 7.53 -6.22
C ASP A 49 -9.81 8.58 -5.17
N ALA A 50 -10.15 9.78 -5.61
CA ALA A 50 -10.52 10.85 -4.69
C ALA A 50 -12.03 10.99 -4.60
N SER A 51 -12.55 11.02 -3.38
CA SER A 51 -13.95 11.29 -3.15
C SER A 51 -14.11 12.63 -2.44
N PHE A 52 -14.42 13.66 -3.21
CA PHE A 52 -14.66 15.00 -2.67
C PHE A 52 -16.04 15.05 -2.04
N VAL A 53 -16.10 15.32 -0.73
CA VAL A 53 -17.38 15.44 -0.05
C VAL A 53 -17.78 16.91 0.07
N ASP A 54 -18.99 17.22 -0.38
CA ASP A 54 -19.57 18.54 -0.18
C ASP A 54 -20.64 18.48 0.91
N ASP A 55 -20.30 19.02 2.08
CA ASP A 55 -21.14 18.92 3.26
C ASP A 55 -21.26 20.29 3.89
N LYS A 56 -22.35 20.99 3.59
CA LYS A 56 -22.57 22.35 4.06
C LYS A 56 -22.68 22.44 5.57
N PHE A 57 -22.93 21.29 6.21
CA PHE A 57 -23.10 21.24 7.66
C PHE A 57 -21.80 20.97 8.39
N SER A 58 -20.74 20.77 7.62
CA SER A 58 -19.41 20.61 8.18
C SER A 58 -18.67 21.92 8.10
N SER A 59 -17.84 22.20 9.12
CA SER A 59 -17.11 23.46 9.20
C SER A 59 -15.97 23.55 8.18
N GLU A 60 -15.68 22.44 7.51
CA GLU A 60 -14.62 22.43 6.51
C GLU A 60 -14.87 21.42 5.39
N MET A 61 -13.95 21.36 4.44
CA MET A 61 -14.05 20.46 3.29
C MET A 61 -13.26 19.18 3.51
N THR A 62 -13.86 18.04 3.12
CA THR A 62 -13.25 16.75 3.35
C THR A 62 -13.14 15.95 2.05
N THR A 63 -11.94 15.45 1.76
CA THR A 63 -11.72 14.60 0.61
C THR A 63 -11.06 13.28 1.02
N ILE A 64 -11.72 12.17 0.67
CA ILE A 64 -11.20 10.85 0.98
C ILE A 64 -10.42 10.33 -0.22
N ILE A 65 -9.20 9.87 0.01
CA ILE A 65 -8.36 9.37 -1.08
C ILE A 65 -7.98 7.90 -0.92
N SER A 66 -8.35 7.11 -1.91
CA SER A 66 -7.99 5.70 -1.95
C SER A 66 -6.79 5.51 -2.87
N LEU A 67 -5.72 4.94 -2.33
CA LEU A 67 -4.51 4.68 -3.09
C LEU A 67 -4.41 3.20 -3.46
N LYS A 68 -4.40 2.92 -4.76
CA LYS A 68 -4.24 1.55 -5.26
C LYS A 68 -3.03 1.48 -6.18
N GLY A 69 -2.15 0.51 -5.94
CA GLY A 69 -0.94 0.41 -6.73
C GLY A 69 -0.48 -0.99 -7.06
N PHE A 70 0.50 -1.07 -7.95
CA PHE A 70 1.19 -2.32 -8.22
C PHE A 70 2.68 -2.07 -8.32
N ILE A 71 3.44 -2.70 -7.44
CA ILE A 71 4.89 -2.64 -7.49
C ILE A 71 5.42 -4.03 -7.83
N PRO A 72 6.01 -4.17 -9.01
CA PRO A 72 6.57 -5.46 -9.44
C PRO A 72 7.56 -5.99 -8.41
N SER A 73 7.57 -7.30 -8.21
CA SER A 73 8.47 -7.91 -7.22
C SER A 73 9.93 -7.72 -7.60
N GLY A 74 10.20 -7.65 -8.90
CA GLY A 74 11.56 -7.52 -9.39
C GLY A 74 12.40 -8.75 -9.10
N ARG A 75 11.76 -9.88 -8.89
CA ARG A 75 12.48 -11.11 -8.57
C ARG A 75 13.25 -11.65 -9.77
N LYS A 76 14.49 -12.05 -9.52
CA LYS A 76 15.29 -12.71 -10.53
C LYS A 76 15.99 -13.92 -9.93
N ILE A 77 16.12 -14.98 -10.73
CA ILE A 77 16.84 -16.17 -10.30
C ILE A 77 17.94 -16.46 -11.31
N PHE A 78 19.16 -16.58 -10.83
CA PHE A 78 20.28 -16.89 -11.72
C PHE A 78 21.39 -17.65 -11.01
N ALA A 79 22.19 -18.37 -11.79
CA ALA A 79 23.31 -19.11 -11.25
C ALA A 79 24.57 -18.26 -11.27
N LEU A 80 25.27 -18.23 -10.15
CA LEU A 80 26.57 -17.59 -10.09
C LEU A 80 27.56 -18.64 -10.55
N SER A 81 27.26 -19.89 -10.21
CA SER A 81 27.99 -21.05 -10.71
C SER A 81 27.11 -22.27 -10.49
N LYS A 82 27.64 -23.45 -10.76
CA LYS A 82 26.89 -24.69 -10.56
C LYS A 82 26.65 -24.94 -9.07
N TYR A 83 27.46 -24.30 -8.23
CA TYR A 83 27.42 -24.55 -6.79
C TYR A 83 26.90 -23.35 -6.00
N ARG A 84 26.63 -22.26 -6.70
CA ARG A 84 26.11 -21.06 -6.04
C ARG A 84 24.99 -20.39 -6.85
N GLY A 85 23.81 -20.32 -6.25
CA GLY A 85 22.65 -19.72 -6.90
C GLY A 85 22.13 -18.51 -6.14
N VAL A 86 21.47 -17.61 -6.88
CA VAL A 86 20.97 -16.38 -6.27
C VAL A 86 19.51 -16.15 -6.62
N MET A 87 18.71 -15.82 -5.60
CA MET A 87 17.33 -15.40 -5.82
C MET A 87 17.15 -13.99 -5.29
N ARG A 88 17.02 -13.04 -6.20
CA ARG A 88 16.75 -11.65 -5.82
C ARG A 88 15.26 -11.49 -5.56
N TRP A 89 14.93 -10.86 -4.42
CA TRP A 89 13.54 -10.80 -3.97
C TRP A 89 13.26 -9.48 -3.21
N PRO A 90 11.98 -9.07 -3.16
CA PRO A 90 11.61 -7.83 -2.49
C PRO A 90 11.36 -8.06 -1.01
N ILE A 91 12.36 -7.81 -0.17
CA ILE A 91 12.16 -7.93 1.27
C ILE A 91 11.17 -6.87 1.78
N LYS A 92 11.18 -5.69 1.15
CA LYS A 92 10.36 -4.58 1.64
C LYS A 92 9.77 -3.70 0.54
N TYR A 93 8.48 -3.37 0.71
CA TYR A 93 7.80 -2.38 -0.12
C TYR A 93 7.44 -1.19 0.76
N MET A 94 7.62 0.02 0.24
CA MET A 94 7.28 1.21 1.01
C MET A 94 6.40 2.16 0.19
N VAL A 95 5.36 2.69 0.84
CA VAL A 95 4.47 3.65 0.20
C VAL A 95 4.26 4.90 1.05
N ASP A 96 4.51 6.06 0.46
CA ASP A 96 4.30 7.34 1.13
C ASP A 96 3.23 8.14 0.42
N LEU A 97 2.33 8.75 1.19
CA LEU A 97 1.47 9.80 0.66
C LEU A 97 1.78 11.07 1.43
N LYS A 98 2.41 12.02 0.73
CA LYS A 98 2.82 13.26 1.36
C LYS A 98 1.89 14.42 0.98
N ASN A 99 1.37 15.10 2.00
CA ASN A 99 0.57 16.30 1.80
C ASN A 99 1.45 17.56 1.75
N ASN A 100 1.50 18.19 0.59
CA ASN A 100 2.39 19.34 0.37
C ASN A 100 1.78 20.71 0.68
N SER A 101 0.61 20.73 1.33
CA SER A 101 -0.12 21.98 1.48
C SER A 101 -0.54 22.31 2.91
N LEU A 102 0.23 21.84 3.89
CA LEU A 102 -0.04 22.19 5.27
C LEU A 102 0.10 23.69 5.52
N ASP A 103 0.86 24.37 4.66
CA ASP A 103 1.01 25.81 4.74
C ASP A 103 -0.33 26.50 4.47
N SER A 104 -1.16 25.87 3.65
CA SER A 104 -2.50 26.36 3.36
C SER A 104 -3.50 25.69 4.30
N SER A 105 -2.99 25.12 5.38
CA SER A 105 -3.81 24.42 6.37
C SER A 105 -4.69 23.30 5.78
N VAL A 106 -4.18 22.64 4.74
CA VAL A 106 -4.74 21.38 4.27
C VAL A 106 -4.10 20.29 5.12
N LYS A 107 -4.92 19.38 5.64
CA LYS A 107 -4.41 18.38 6.59
C LYS A 107 -4.84 16.96 6.29
N ILE A 108 -3.92 16.02 6.51
CA ILE A 108 -4.28 14.61 6.60
C ILE A 108 -4.78 14.37 8.02
N VAL A 109 -6.07 14.07 8.17
CA VAL A 109 -6.63 13.94 9.50
C VAL A 109 -6.88 12.49 9.94
N ASP A 110 -6.72 11.56 9.00
CA ASP A 110 -6.76 10.14 9.33
C ASP A 110 -6.32 9.29 8.15
N SER A 111 -5.92 8.05 8.43
CA SER A 111 -5.46 7.14 7.40
C SER A 111 -5.54 5.68 7.83
N VAL A 112 -5.51 4.78 6.87
CA VAL A 112 -5.52 3.35 7.14
C VAL A 112 -4.64 2.66 6.10
N PRO A 113 -4.03 1.52 6.46
CA PRO A 113 -4.12 0.82 7.75
C PRO A 113 -3.45 1.58 8.90
N LYS A 114 -3.88 1.29 10.13
CA LYS A 114 -3.28 1.89 11.31
C LYS A 114 -2.30 0.92 11.95
N ASN A 115 -1.34 1.47 12.68
CA ASN A 115 -0.38 0.67 13.44
C ASN A 115 0.18 -0.48 12.62
N THR A 116 -0.07 -1.71 13.08
CA THR A 116 0.45 -2.90 12.41
C THR A 116 -0.64 -3.90 12.07
N ILE A 117 -0.57 -4.46 10.86
CA ILE A 117 -1.50 -5.47 10.40
C ILE A 117 -0.75 -6.70 9.90
N SER A 118 -1.09 -7.87 10.42
CA SER A 118 -0.36 -9.10 10.09
C SER A 118 -1.17 -10.12 9.32
N THR A 119 -2.48 -9.90 9.20
CA THR A 119 -3.35 -10.85 8.51
C THR A 119 -3.06 -10.94 7.01
N LYS A 120 -3.24 -12.13 6.45
CA LYS A 120 -3.03 -12.36 5.03
C LYS A 120 -3.85 -11.39 4.19
N GLU A 121 -5.06 -11.09 4.67
CA GLU A 121 -5.95 -10.18 3.98
C GLU A 121 -6.20 -8.95 4.84
N VAL A 122 -6.13 -7.77 4.23
CA VAL A 122 -6.35 -6.54 4.96
C VAL A 122 -7.61 -5.83 4.48
N ASN A 123 -8.52 -5.56 5.39
CA ASN A 123 -9.75 -4.84 5.07
C ASN A 123 -9.96 -3.65 6.00
N ASN A 124 -9.97 -2.45 5.43
CA ASN A 124 -10.15 -1.24 6.22
C ASN A 124 -11.34 -0.44 5.73
N THR A 125 -11.86 0.43 6.59
CA THR A 125 -13.03 1.22 6.24
C THR A 125 -12.91 2.67 6.70
N ILE A 126 -13.17 3.59 5.79
CA ILE A 126 -13.20 5.02 6.11
C ILE A 126 -14.64 5.52 6.02
N SER A 127 -15.21 5.90 7.15
CA SER A 127 -16.60 6.32 7.20
C SER A 127 -16.74 7.79 7.58
N TYR A 128 -17.58 8.50 6.83
CA TYR A 128 -17.80 9.93 7.03
C TYR A 128 -19.23 10.18 7.53
N SER A 129 -19.35 11.08 8.51
CA SER A 129 -20.67 11.48 9.01
C SER A 129 -20.91 12.94 8.68
N ILE A 130 -22.16 13.25 8.35
CA ILE A 130 -22.55 14.64 8.11
C ILE A 130 -22.13 15.49 9.30
N GLY A 131 -21.42 16.58 9.02
CA GLY A 131 -20.89 17.42 10.08
C GLY A 131 -19.37 17.40 10.10
N GLY A 132 -18.77 16.36 9.52
CA GLY A 132 -17.34 16.28 9.38
C GLY A 132 -16.69 15.07 10.05
N GLY A 133 -17.44 14.40 10.93
CA GLY A 133 -16.90 13.26 11.66
C GLY A 133 -16.28 12.19 10.79
N ILE A 134 -15.18 11.62 11.27
CA ILE A 134 -14.47 10.55 10.56
C ILE A 134 -14.26 9.32 11.46
N ASP A 135 -14.59 8.14 10.93
CA ASP A 135 -14.32 6.89 11.63
C ASP A 135 -13.50 5.96 10.74
N THR A 136 -12.36 5.52 11.25
CA THR A 136 -11.51 4.60 10.51
C THR A 136 -11.38 3.27 11.22
N SER A 137 -11.58 2.19 10.48
CA SER A 137 -11.53 0.85 11.05
C SER A 137 -10.54 -0.02 10.30
N ASN A 138 -9.80 -0.84 11.04
CA ASN A 138 -8.99 -1.87 10.42
C ASN A 138 -9.84 -3.12 10.20
N LYS A 139 -11.15 -2.95 10.33
CA LYS A 139 -12.11 -3.99 10.02
C LYS A 139 -12.91 -3.61 8.78
N ALA A 140 -13.83 -4.47 8.37
CA ALA A 140 -14.38 -4.41 7.02
C ALA A 140 -15.66 -3.57 6.80
N SER A 141 -16.59 -3.60 7.76
CA SER A 141 -17.90 -2.97 7.55
C SER A 141 -18.62 -3.74 6.41
N LEU A 142 -19.61 -3.17 5.73
CA LEU A 142 -20.20 -1.85 5.97
C LEU A 142 -21.60 -1.99 6.52
N ASN A 143 -21.69 -2.34 7.80
CA ASN A 143 -22.96 -2.61 8.45
C ASN A 143 -23.53 -1.40 9.18
N ALA A 144 -22.87 -0.25 9.02
CA ALA A 144 -23.27 0.95 9.74
C ALA A 144 -23.86 2.02 8.82
N ASN A 145 -24.76 2.83 9.38
CA ASN A 145 -25.42 3.88 8.62
C ASN A 145 -24.63 5.19 8.57
N TYR A 146 -23.43 5.12 8.00
CA TYR A 146 -22.62 6.31 7.78
C TYR A 146 -23.04 6.97 6.46
N ALA A 147 -22.93 8.29 6.40
CA ALA A 147 -23.28 9.03 5.20
C ALA A 147 -22.40 8.60 4.02
N VAL A 148 -21.13 8.36 4.31
CA VAL A 148 -20.19 7.90 3.28
C VAL A 148 -19.20 6.91 3.89
N SER A 149 -19.10 5.73 3.30
CA SER A 149 -18.09 4.77 3.74
C SER A 149 -17.29 4.26 2.55
N LYS A 150 -15.97 4.23 2.71
CA LYS A 150 -15.08 3.77 1.65
C LYS A 150 -14.27 2.57 2.13
N SER A 151 -14.37 1.46 1.39
CA SER A 151 -13.68 0.23 1.77
C SER A 151 -12.30 0.11 1.13
N ILE A 152 -11.35 -0.38 1.92
CA ILE A 152 -9.99 -0.59 1.48
C ILE A 152 -9.62 -2.06 1.66
N SER A 153 -8.95 -2.64 0.67
CA SER A 153 -8.68 -4.07 0.70
C SER A 153 -7.47 -4.49 -0.15
N TYR A 154 -6.61 -5.32 0.43
CA TYR A 154 -5.49 -5.91 -0.31
C TYR A 154 -4.98 -7.15 0.42
N VAL A 155 -4.08 -7.88 -0.25
CA VAL A 155 -3.50 -9.09 0.34
C VAL A 155 -2.00 -8.97 0.52
N GLN A 156 -1.47 -9.66 1.51
CA GLN A 156 -0.05 -9.59 1.82
C GLN A 156 0.48 -10.90 2.45
N PRO A 157 0.27 -12.04 1.76
CA PRO A 157 0.74 -13.32 2.28
C PRO A 157 2.21 -13.29 2.68
N ASP A 158 2.49 -13.67 3.93
CA ASP A 158 3.86 -13.77 4.43
C ASP A 158 4.50 -12.41 4.72
N TYR A 159 3.75 -11.34 4.53
CA TYR A 159 4.22 -9.99 4.81
C TYR A 159 3.38 -9.33 5.90
N ASN A 160 3.96 -8.32 6.54
CA ASN A 160 3.23 -7.48 7.47
C ASN A 160 3.26 -6.02 7.03
N THR A 161 2.23 -5.26 7.40
CA THR A 161 2.19 -3.84 7.09
C THR A 161 2.23 -3.01 8.37
N ILE A 162 3.14 -2.04 8.42
CA ILE A 162 3.20 -1.13 9.53
C ILE A 162 3.15 0.31 9.04
N GLN A 163 2.35 1.14 9.70
CA GLN A 163 2.32 2.56 9.39
C GLN A 163 3.48 3.24 10.12
N THR A 164 4.46 3.69 9.34
CA THR A 164 5.68 4.25 9.91
C THR A 164 5.56 5.76 10.12
N ASN A 165 4.65 6.39 9.38
CA ASN A 165 4.38 7.80 9.57
C ASN A 165 2.88 8.07 9.52
N ASP A 166 2.41 8.90 10.44
CA ASP A 166 0.99 9.21 10.53
C ASP A 166 0.79 10.64 11.07
N THR A 167 1.01 11.63 10.21
CA THR A 167 0.85 13.02 10.61
C THR A 167 -0.01 13.79 9.61
N ASN A 168 -0.20 15.08 9.87
CA ASN A 168 -0.92 15.95 8.96
C ASN A 168 -0.20 16.09 7.63
N SER A 169 1.10 15.83 7.64
CA SER A 169 1.94 16.04 6.46
C SER A 169 2.22 14.77 5.67
N ILE A 170 2.16 13.61 6.33
CA ILE A 170 2.51 12.37 5.66
C ILE A 170 1.94 11.11 6.31
N ALA A 171 1.50 10.18 5.47
CA ALA A 171 1.13 8.84 5.90
C ALA A 171 2.03 7.85 5.16
N SER A 172 2.69 6.99 5.91
CA SER A 172 3.67 6.05 5.35
C SER A 172 3.43 4.61 5.80
N TRP A 173 3.61 3.67 4.88
CA TRP A 173 3.43 2.26 5.20
C TRP A 173 4.62 1.42 4.74
N ASN A 174 5.05 0.52 5.61
CA ASN A 174 6.05 -0.47 5.25
C ASN A 174 5.40 -1.85 5.21
N THR A 175 5.48 -2.48 4.04
CA THR A 175 5.05 -3.86 3.90
C THR A 175 6.29 -4.73 3.71
N GLU A 176 6.70 -5.39 4.79
CA GLU A 176 7.94 -6.13 4.84
C GLU A 176 7.73 -7.62 5.09
N PHE A 177 8.57 -8.44 4.49
CA PHE A 177 8.48 -9.89 4.66
C PHE A 177 8.55 -10.26 6.13
N ALA A 178 7.72 -11.20 6.55
CA ALA A 178 7.66 -11.59 7.95
C ALA A 178 8.31 -12.94 8.19
N GLU A 179 7.68 -14.00 7.70
CA GLU A 179 8.14 -15.36 7.97
C GLU A 179 7.43 -16.37 7.07
N THR A 180 8.19 -17.35 6.58
CA THR A 180 7.63 -18.38 5.69
C THR A 180 6.71 -19.31 6.46
N ARG A 181 5.91 -20.09 5.74
CA ARG A 181 5.00 -21.03 6.37
C ARG A 181 5.75 -22.06 7.23
N ASP A 182 6.97 -22.38 6.82
CA ASP A 182 7.79 -23.34 7.54
C ASP A 182 8.48 -22.71 8.74
N GLY A 183 8.27 -21.40 8.93
CA GLY A 183 8.71 -20.74 10.14
C GLY A 183 10.05 -20.03 10.06
N TYR A 184 10.61 -19.92 8.85
CA TYR A 184 11.88 -19.22 8.67
C TYR A 184 11.70 -17.76 8.34
N ASN A 185 12.60 -16.92 8.83
CA ASN A 185 12.60 -15.49 8.55
C ASN A 185 14.03 -15.02 8.28
N VAL A 186 14.22 -13.72 8.12
CA VAL A 186 15.53 -13.20 7.78
C VAL A 186 16.53 -13.32 8.94
N ASN A 187 16.01 -13.66 10.12
CA ASN A 187 16.86 -13.86 11.29
C ASN A 187 17.31 -15.32 11.49
N SER A 188 16.72 -16.22 10.72
CA SER A 188 16.99 -17.65 10.89
C SER A 188 18.42 -18.01 10.51
N TRP A 189 19.11 -18.70 11.40
CA TRP A 189 20.44 -19.21 11.08
C TRP A 189 20.71 -20.58 11.70
N ASN A 190 20.79 -21.60 10.85
CA ASN A 190 21.15 -22.94 11.26
C ASN A 190 22.63 -23.15 10.96
N ILE A 191 23.38 -23.63 11.94
CA ILE A 191 24.83 -23.73 11.79
C ILE A 191 25.28 -24.59 10.60
N VAL A 192 24.42 -25.51 10.17
CA VAL A 192 24.73 -26.34 9.01
C VAL A 192 24.19 -25.74 7.72
N TYR A 193 22.88 -25.49 7.69
CA TYR A 193 22.21 -25.10 6.45
C TYR A 193 22.05 -23.59 6.27
N GLY A 194 22.55 -22.82 7.24
CA GLY A 194 22.45 -21.37 7.18
C GLY A 194 21.00 -20.91 7.30
N ASN A 195 20.63 -19.93 6.48
CA ASN A 195 19.25 -19.44 6.44
C ASN A 195 18.48 -20.16 5.35
N GLN A 196 17.45 -20.90 5.75
CA GLN A 196 16.75 -21.80 4.83
C GLN A 196 15.38 -21.29 4.38
N MET A 197 15.14 -19.99 4.52
CA MET A 197 13.81 -19.45 4.25
C MET A 197 13.28 -19.74 2.85
N PHE A 198 14.14 -19.68 1.84
CA PHE A 198 13.70 -19.95 0.47
C PHE A 198 14.40 -21.15 -0.16
N MET A 199 14.93 -22.01 0.70
CA MET A 199 15.62 -23.23 0.26
C MET A 199 14.64 -24.40 0.10
N ARG A 200 14.52 -24.91 -1.12
CA ARG A 200 13.57 -25.98 -1.41
C ARG A 200 13.99 -27.30 -0.76
N SER A 201 15.29 -27.56 -0.73
CA SER A 201 15.80 -28.79 -0.14
C SER A 201 17.26 -28.61 0.27
N ARG A 202 17.73 -29.52 1.11
CA ARG A 202 19.09 -29.42 1.65
C ARG A 202 20.09 -30.26 0.84
N TYR A 203 19.58 -31.19 0.04
CA TYR A 203 20.46 -32.13 -0.64
C TYR A 203 20.12 -32.38 -2.11
N SER A 204 19.19 -31.60 -2.65
CA SER A 204 18.75 -31.82 -4.04
C SER A 204 18.75 -30.54 -4.87
N GLY A 205 18.50 -30.71 -6.17
CA GLY A 205 18.34 -29.58 -7.08
C GLY A 205 19.64 -28.97 -7.56
N THR A 206 19.52 -28.04 -8.51
CA THR A 206 20.65 -27.29 -9.01
C THR A 206 20.63 -25.87 -8.42
N SER A 207 21.63 -25.07 -8.78
CA SER A 207 21.80 -23.74 -8.21
C SER A 207 20.66 -22.78 -8.57
N THR A 208 19.87 -23.12 -9.57
CA THR A 208 18.74 -22.28 -9.98
C THR A 208 17.42 -23.05 -9.90
N THR A 209 17.47 -24.25 -9.35
CA THR A 209 16.32 -25.14 -9.31
C THR A 209 15.87 -25.40 -7.87
N ASN A 210 16.69 -24.99 -6.91
CA ASN A 210 16.44 -25.32 -5.51
C ASN A 210 15.81 -24.20 -4.67
N PHE A 211 15.19 -23.22 -5.32
CA PHE A 211 14.45 -22.21 -4.59
C PHE A 211 12.99 -22.61 -4.44
N THR A 212 12.38 -22.21 -3.32
CA THR A 212 10.98 -22.50 -3.07
C THR A 212 10.14 -22.31 -4.33
N PRO A 213 9.44 -23.36 -4.76
CA PRO A 213 8.61 -23.31 -5.96
C PRO A 213 7.61 -22.16 -5.90
N ASP A 214 7.24 -21.63 -7.05
CA ASP A 214 6.37 -20.46 -7.09
C ASP A 214 5.04 -20.65 -6.34
N TYR A 215 4.47 -21.85 -6.42
CA TYR A 215 3.19 -22.10 -5.78
C TYR A 215 3.28 -22.05 -4.25
N GLN A 216 4.49 -22.01 -3.72
CA GLN A 216 4.69 -21.94 -2.28
C GLN A 216 5.34 -20.63 -1.83
N LEU A 217 5.36 -19.65 -2.71
CA LEU A 217 5.87 -18.33 -2.38
C LEU A 217 4.74 -17.31 -2.38
N SER A 218 4.86 -16.29 -1.53
CA SER A 218 3.91 -15.19 -1.55
C SER A 218 3.81 -14.63 -2.96
N SER A 219 2.62 -14.14 -3.34
CA SER A 219 2.46 -13.49 -4.63
C SER A 219 3.22 -12.16 -4.66
N LEU A 220 3.57 -11.65 -3.49
CA LEU A 220 4.38 -10.44 -3.40
C LEU A 220 5.80 -10.69 -3.91
N ILE A 221 6.20 -11.96 -3.94
CA ILE A 221 7.54 -12.32 -4.41
C ILE A 221 7.53 -12.77 -5.87
N THR A 222 6.50 -13.52 -6.26
CA THR A 222 6.42 -14.03 -7.62
C THR A 222 5.90 -12.98 -8.61
N GLY A 223 4.99 -12.12 -8.15
CA GLY A 223 4.39 -11.12 -9.01
C GLY A 223 4.71 -9.70 -8.60
N GLY A 224 4.26 -9.32 -7.41
CA GLY A 224 4.46 -7.98 -6.90
C GLY A 224 3.44 -7.61 -5.85
N PHE A 225 3.58 -6.40 -5.30
CA PHE A 225 2.68 -5.94 -4.25
C PHE A 225 1.56 -5.07 -4.83
N SER A 226 0.32 -5.38 -4.45
CA SER A 226 -0.83 -4.58 -4.87
C SER A 226 -1.48 -3.88 -3.67
N PRO A 227 -0.82 -2.84 -3.15
CA PRO A 227 -1.33 -2.18 -1.96
C PRO A 227 -2.62 -1.40 -2.22
N ASN A 228 -3.43 -1.26 -1.17
CA ASN A 228 -4.57 -0.37 -1.17
C ASN A 228 -4.60 0.35 0.16
N PHE A 229 -4.19 1.61 0.16
CA PHE A 229 -4.14 2.39 1.38
C PHE A 229 -5.08 3.59 1.28
N GLY A 230 -5.34 4.25 2.40
CA GLY A 230 -6.28 5.37 2.39
C GLY A 230 -5.97 6.52 3.32
N VAL A 231 -6.26 7.73 2.86
CA VAL A 231 -6.12 8.92 3.68
C VAL A 231 -7.36 9.81 3.62
N VAL A 232 -7.49 10.70 4.60
CA VAL A 232 -8.54 11.69 4.59
C VAL A 232 -7.91 13.07 4.71
N LEU A 233 -8.22 13.95 3.77
CA LEU A 233 -7.72 15.32 3.83
C LEU A 233 -8.84 16.30 4.15
N THR A 234 -8.51 17.32 4.94
CA THR A 234 -9.41 18.44 5.15
C THR A 234 -8.79 19.72 4.61
N ALA A 235 -9.63 20.71 4.35
CA ALA A 235 -9.16 21.99 3.83
C ALA A 235 -10.17 23.08 4.18
N PRO A 236 -9.68 24.28 4.51
CA PRO A 236 -10.55 25.42 4.79
C PRO A 236 -11.55 25.61 3.66
N ASN A 237 -12.75 26.06 4.00
CA ASN A 237 -13.86 26.13 3.05
C ASN A 237 -13.54 26.70 1.67
N GLY A 238 -12.69 27.71 1.62
CA GLY A 238 -12.42 28.39 0.37
C GLY A 238 -11.33 27.80 -0.51
N THR A 239 -10.63 26.77 -0.02
CA THR A 239 -9.48 26.20 -0.70
C THR A 239 -9.77 25.80 -2.15
N LYS A 240 -8.90 26.23 -3.07
CA LYS A 240 -9.05 25.92 -4.48
C LYS A 240 -8.24 24.70 -4.89
N LYS A 241 -6.96 24.70 -4.57
CA LYS A 241 -6.08 23.61 -4.97
C LYS A 241 -5.06 23.26 -3.89
N SER A 242 -4.69 21.98 -3.84
CA SER A 242 -3.63 21.50 -2.96
C SER A 242 -2.84 20.40 -3.66
N GLN A 243 -1.70 20.02 -3.09
CA GLN A 243 -0.85 19.02 -3.72
C GLN A 243 -0.49 17.88 -2.79
N ILE A 244 -0.35 16.69 -3.38
CA ILE A 244 0.15 15.52 -2.68
C ILE A 244 1.24 14.83 -3.49
N GLU A 245 2.10 14.09 -2.81
CA GLU A 245 3.13 13.30 -3.48
C GLU A 245 3.01 11.85 -3.03
N ILE A 246 3.03 10.94 -3.98
CA ILE A 246 3.03 9.52 -3.64
C ILE A 246 4.34 8.88 -4.05
N SER A 247 5.01 8.23 -3.10
CA SER A 247 6.28 7.57 -3.37
C SER A 247 6.13 6.05 -3.24
N LEU A 248 6.62 5.34 -4.24
CA LEU A 248 6.70 3.89 -4.20
C LEU A 248 8.15 3.49 -4.05
N LYS A 249 8.44 2.63 -3.09
CA LYS A 249 9.82 2.18 -2.87
C LYS A 249 9.86 0.67 -2.72
N ARG A 250 10.86 0.05 -3.31
CA ARG A 250 11.06 -1.39 -3.20
C ARG A 250 12.50 -1.68 -2.83
N GLU A 251 12.71 -2.48 -1.79
CA GLU A 251 14.05 -2.94 -1.46
C GLU A 251 14.23 -4.38 -1.92
N ILE A 252 15.30 -4.62 -2.66
CA ILE A 252 15.61 -5.96 -3.13
C ILE A 252 16.75 -6.56 -2.33
N ASN A 253 16.61 -7.82 -1.95
CA ASN A 253 17.71 -8.55 -1.31
C ASN A 253 18.14 -9.74 -2.16
N SER A 254 19.33 -10.24 -1.92
CA SER A 254 19.84 -11.39 -2.65
C SER A 254 19.97 -12.59 -1.73
N TYR A 255 19.09 -13.58 -1.93
CA TYR A 255 19.15 -14.82 -1.18
C TYR A 255 20.05 -15.81 -1.91
N HIS A 256 21.22 -16.09 -1.33
CA HIS A 256 22.19 -16.99 -1.94
C HIS A 256 22.08 -18.39 -1.36
N ILE A 257 22.11 -19.39 -2.23
CA ILE A 257 22.37 -20.77 -1.79
C ILE A 257 23.71 -21.23 -2.36
N ALA A 258 24.52 -21.83 -1.50
CA ALA A 258 25.84 -22.31 -1.90
C ALA A 258 26.05 -23.73 -1.41
N TRP A 259 26.53 -24.59 -2.30
CA TRP A 259 26.71 -26.00 -1.99
C TRP A 259 28.10 -26.30 -1.46
N ASP A 260 28.16 -26.84 -0.24
CA ASP A 260 29.40 -27.37 0.31
C ASP A 260 29.34 -28.89 0.17
N THR A 261 28.71 -29.53 1.15
CA THR A 261 28.30 -30.92 1.00
C THR A 261 26.80 -30.98 1.25
N GLU A 262 26.19 -29.80 1.20
CA GLU A 262 24.75 -29.62 1.34
C GLU A 262 24.50 -28.18 0.96
N TRP A 263 23.24 -27.82 0.76
CA TRP A 263 22.91 -26.42 0.48
C TRP A 263 22.96 -25.61 1.76
N GLN A 264 23.64 -24.46 1.70
CA GLN A 264 23.64 -23.50 2.78
C GLN A 264 23.07 -22.18 2.25
N GLY A 265 22.17 -21.58 3.02
CA GLY A 265 21.49 -20.37 2.57
C GLY A 265 21.92 -19.11 3.29
N ARG A 266 21.93 -18.00 2.58
CA ARG A 266 22.25 -16.71 3.18
C ARG A 266 21.62 -15.54 2.43
N ASN A 267 21.05 -14.61 3.18
CA ASN A 267 20.41 -13.44 2.60
C ASN A 267 21.27 -12.18 2.73
N TYR A 268 21.53 -11.51 1.61
CA TYR A 268 22.32 -10.29 1.61
C TYR A 268 21.47 -9.11 1.15
N PRO A 269 21.86 -7.89 1.57
CA PRO A 269 21.21 -6.69 1.03
C PRO A 269 21.57 -6.57 -0.44
N ASP A 270 20.88 -5.68 -1.17
CA ASP A 270 21.19 -5.49 -2.57
C ASP A 270 20.96 -4.06 -3.05
N SER A 271 19.69 -3.70 -3.25
CA SER A 271 19.37 -2.41 -3.87
C SER A 271 18.04 -1.85 -3.41
N LYS A 272 17.87 -0.55 -3.64
CA LYS A 272 16.64 0.16 -3.31
C LYS A 272 16.19 1.02 -4.50
N ILE A 273 14.92 0.92 -4.86
CA ILE A 273 14.37 1.80 -5.88
C ILE A 273 13.20 2.61 -5.31
N GLU A 274 13.26 3.93 -5.53
CA GLU A 274 12.24 4.85 -5.07
C GLU A 274 11.77 5.73 -6.20
N GLU A 275 10.45 5.85 -6.36
CA GLU A 275 9.87 6.69 -7.40
C GLU A 275 8.74 7.53 -6.81
N THR A 276 8.58 8.74 -7.32
CA THR A 276 7.60 9.67 -6.78
C THR A 276 6.71 10.29 -7.85
N VAL A 277 5.41 10.31 -7.58
CA VAL A 277 4.45 10.91 -8.50
C VAL A 277 3.68 12.02 -7.81
N LYS A 278 3.54 13.16 -8.49
CA LYS A 278 2.82 14.30 -7.91
C LYS A 278 1.39 14.41 -8.43
N PHE A 279 0.46 14.74 -7.54
CA PHE A 279 -0.93 14.92 -7.91
C PHE A 279 -1.46 16.24 -7.36
N GLU A 280 -2.25 16.94 -8.18
CA GLU A 280 -2.91 18.15 -7.72
C GLU A 280 -4.39 17.90 -7.48
N LEU A 281 -4.89 18.39 -6.36
CA LEU A 281 -6.30 18.34 -6.05
C LEU A 281 -6.97 19.67 -6.32
N ASP A 282 -7.97 19.66 -7.19
CA ASP A 282 -8.79 20.84 -7.41
C ASP A 282 -10.09 20.66 -6.62
N TRP A 283 -10.18 21.35 -5.49
CA TRP A 283 -11.32 21.20 -4.59
C TRP A 283 -12.59 21.87 -5.11
N GLU A 284 -12.44 22.73 -6.12
CA GLU A 284 -13.59 23.39 -6.72
C GLU A 284 -14.19 22.52 -7.82
N LYS A 285 -13.32 22.01 -8.70
CA LYS A 285 -13.77 21.18 -9.81
C LYS A 285 -13.89 19.71 -9.42
N HIS A 286 -13.50 19.39 -8.20
CA HIS A 286 -13.52 18.00 -7.72
C HIS A 286 -12.69 17.07 -8.61
N THR A 287 -11.44 17.44 -8.87
CA THR A 287 -10.59 16.62 -9.72
C THR A 287 -9.26 16.33 -9.06
N ILE A 288 -8.68 15.20 -9.43
CA ILE A 288 -7.32 14.87 -9.04
C ILE A 288 -6.52 14.57 -10.29
N ARG A 289 -5.43 15.30 -10.49
CA ARG A 289 -4.63 15.20 -11.71
C ARG A 289 -3.15 15.12 -11.40
N GLN A 290 -2.44 14.22 -12.09
CA GLN A 290 -0.98 14.17 -11.98
C GLN A 290 -0.37 15.44 -12.58
N ILE A 291 0.62 16.00 -11.90
CA ILE A 291 1.27 17.20 -12.40
C ILE A 291 2.80 17.05 -12.43
N SER A 292 3.48 18.12 -12.82
CA SER A 292 4.92 18.14 -13.02
C SER A 292 5.31 17.42 -14.30
N HIS A 293 5.09 16.21 -14.45
#